data_2WE2
#
_entry.id   2WE2
#
_cell.length_a   55.700
_cell.length_b   56.959
_cell.length_c   81.194
_cell.angle_alpha   90.00
_cell.angle_beta   90.00
_cell.angle_gamma   90.00
#
_symmetry.space_group_name_H-M   'P 21 21 21'
#
loop_
_entity.id
_entity.type
_entity.pdbx_description
1 polymer "DEOXYURIDINE 5'-TRIPHOSPHATE NUCLEOTIDOHYDROLASE"
2 non-polymer 'SULFATE ION'
3 non-polymer "2'-DEOXYURIDINE 5'-MONOPHOSPHATE"
4 water water
#
_entity_poly.entity_id   1
_entity_poly.type   'polypeptide(L)'
_entity_poly.pdbx_seq_one_letter_code
;GAMGSGIPMEACPHIRYAFQNDKLLLQQASVGRLTLVNKTTILLRPMKTTTVDLGLYARPPEGHGLMLWGSTSRPVTSHV
GIIDPDYTGELRLILQNQRRYNSTLRPSELKIHLAAFRYATPQMEEDKGPINHPQYPGSVGLDVSLPKDLALFPHQTVSV
TLTVPPPSIPHHRPTIFGRSGLAMQGILVKPCRWRRGGVDVSLTNFSDQTVFLNKYRRFCQLVYLHKHHLTSFYSPHSDA
GVLGPRSLFRWASCTFEEVPSLAMGDSGLSEALEGRQGRGFGSSGQ
;
_entity_poly.pdbx_strand_id   A
#
# COMPACT_ATOMS: atom_id res chain seq x y z
N CYS A 12 -0.37 -19.63 -9.92
CA CYS A 12 -0.60 -19.18 -8.52
C CYS A 12 -1.69 -20.05 -7.84
N PRO A 13 -1.40 -20.59 -6.65
CA PRO A 13 -2.41 -21.31 -5.86
C PRO A 13 -3.44 -20.33 -5.28
N HIS A 14 -4.51 -20.86 -4.69
CA HIS A 14 -5.63 -20.04 -4.22
C HIS A 14 -5.23 -19.00 -3.17
N ILE A 15 -5.87 -17.85 -3.23
CA ILE A 15 -5.85 -16.91 -2.11
C ILE A 15 -7.07 -17.23 -1.26
N ARG A 16 -6.85 -17.68 -0.03
CA ARG A 16 -7.95 -18.00 0.86
C ARG A 16 -8.36 -16.73 1.56
N TYR A 17 -9.66 -16.49 1.68
CA TYR A 17 -10.12 -15.24 2.29
C TYR A 17 -11.43 -15.39 3.02
N ALA A 18 -11.68 -14.46 3.93
CA ALA A 18 -13.00 -14.32 4.52
C ALA A 18 -13.41 -12.87 4.47
N PHE A 19 -14.69 -12.62 4.30
CA PHE A 19 -15.19 -11.27 4.22
C PHE A 19 -16.57 -11.16 4.85
N GLN A 20 -16.69 -10.27 5.82
CA GLN A 20 -17.98 -9.98 6.43
C GLN A 20 -17.98 -8.54 6.88
N ASN A 21 -18.78 -7.72 6.21
CA ASN A 21 -18.92 -6.32 6.56
C ASN A 21 -20.15 -5.76 5.84
N ASP A 22 -21.21 -5.49 6.61
CA ASP A 22 -22.46 -4.99 6.03
C ASP A 22 -22.33 -3.62 5.38
N LYS A 23 -21.24 -2.89 5.68
CA LYS A 23 -21.04 -1.56 5.14
C LYS A 23 -20.29 -1.54 3.80
N LEU A 24 -19.80 -2.71 3.37
CA LEU A 24 -19.06 -2.82 2.11
C LEU A 24 -19.67 -3.90 1.23
N LEU A 25 -19.67 -3.69 -0.07
CA LEU A 25 -20.16 -4.68 -1.01
C LEU A 25 -18.99 -5.38 -1.69
N LEU A 26 -19.03 -6.71 -1.75
CA LEU A 26 -18.12 -7.45 -2.61
C LEU A 26 -18.63 -7.27 -4.03
N GLN A 27 -17.93 -6.46 -4.82
CA GLN A 27 -18.28 -6.27 -6.21
C GLN A 27 -17.98 -7.52 -7.03
N GLN A 28 -16.75 -8.01 -6.95
N GLN A 28 -16.75 -8.00 -6.93
CA GLN A 28 -16.35 -9.22 -7.67
CA GLN A 28 -16.33 -9.20 -7.66
C GLN A 28 -14.98 -9.68 -7.19
C GLN A 28 -15.00 -9.69 -7.13
N ALA A 29 -14.70 -10.96 -7.42
CA ALA A 29 -13.36 -11.53 -7.21
C ALA A 29 -13.03 -12.21 -8.52
N SER A 30 -12.26 -11.49 -9.34
CA SER A 30 -12.07 -11.86 -10.75
C SER A 30 -10.63 -11.65 -11.17
N VAL A 31 -10.14 -12.58 -11.99
CA VAL A 31 -8.78 -12.52 -12.54
C VAL A 31 -7.69 -12.16 -11.51
N GLY A 32 -7.88 -12.64 -10.29
CA GLY A 32 -6.89 -12.47 -9.24
C GLY A 32 -7.03 -11.23 -8.38
N ARG A 33 -8.08 -10.44 -8.60
CA ARG A 33 -8.28 -9.24 -7.78
C ARG A 33 -9.69 -9.24 -7.16
N LEU A 34 -9.74 -9.03 -5.86
CA LEU A 34 -10.99 -8.87 -5.14
C LEU A 34 -11.25 -7.37 -4.99
N THR A 35 -12.49 -6.96 -5.24
CA THR A 35 -12.87 -5.56 -5.15
C THR A 35 -14.09 -5.37 -4.29
N LEU A 36 -13.96 -4.49 -3.31
CA LEU A 36 -15.05 -4.05 -2.44
C LEU A 36 -15.41 -2.62 -2.74
N VAL A 37 -16.66 -2.26 -2.53
CA VAL A 37 -17.13 -0.88 -2.70
C VAL A 37 -17.86 -0.43 -1.45
N ASN A 38 -17.77 0.86 -1.11
CA ASN A 38 -18.50 1.33 0.05
C ASN A 38 -20.00 1.49 -0.18
N LYS A 39 -20.79 0.94 0.74
CA LYS A 39 -22.25 1.04 0.68
C LYS A 39 -22.80 2.23 1.45
N THR A 40 -21.99 2.78 2.34
CA THR A 40 -22.40 3.88 3.20
C THR A 40 -21.42 5.03 3.03
N THR A 41 -21.82 6.22 3.47
CA THR A 41 -20.97 7.40 3.33
C THR A 41 -19.82 7.33 4.34
N ILE A 42 -18.60 7.55 3.86
N ILE A 42 -18.59 7.51 3.85
CA ILE A 42 -17.42 7.57 4.71
CA ILE A 42 -17.41 7.59 4.70
C ILE A 42 -16.93 9.01 4.81
C ILE A 42 -17.03 9.04 4.80
N LEU A 43 -16.98 9.55 6.03
CA LEU A 43 -16.58 10.94 6.27
C LEU A 43 -15.10 10.99 6.62
N LEU A 44 -14.39 11.82 5.85
CA LEU A 44 -12.99 12.14 6.16
C LEU A 44 -12.88 13.55 6.71
N ARG A 45 -12.57 13.63 7.99
CA ARG A 45 -12.29 14.92 8.62
C ARG A 45 -10.96 15.46 8.08
N PRO A 46 -10.83 16.80 7.99
CA PRO A 46 -9.54 17.30 7.51
C PRO A 46 -8.46 17.14 8.59
N MET A 47 -7.22 17.01 8.14
CA MET A 47 -6.02 16.99 9.00
C MET A 47 -5.92 15.74 9.86
N LYS A 48 -6.76 14.74 9.58
CA LYS A 48 -6.88 13.54 10.42
C LYS A 48 -6.88 12.29 9.55
N THR A 49 -6.46 11.17 10.13
CA THR A 49 -6.49 9.88 9.46
C THR A 49 -7.88 9.27 9.57
N THR A 50 -8.35 8.67 8.48
CA THR A 50 -9.56 7.85 8.50
C THR A 50 -9.18 6.42 8.17
N THR A 51 -9.56 5.49 9.03
N THR A 51 -9.49 5.51 9.08
CA THR A 51 -9.24 4.08 8.85
CA THR A 51 -9.34 4.10 8.80
C THR A 51 -10.50 3.24 8.67
C THR A 51 -10.66 3.46 8.45
N VAL A 52 -10.57 2.49 7.56
CA VAL A 52 -11.72 1.64 7.27
C VAL A 52 -11.35 0.22 7.70
N ASP A 53 -12.08 -0.30 8.69
CA ASP A 53 -11.92 -1.69 9.11
C ASP A 53 -12.71 -2.53 8.13
N LEU A 54 -11.99 -3.34 7.34
CA LEU A 54 -12.61 -3.95 6.16
C LEU A 54 -13.44 -5.19 6.45
N GLY A 55 -13.18 -5.84 7.59
CA GLY A 55 -13.81 -7.14 7.86
C GLY A 55 -13.34 -8.21 6.87
N LEU A 56 -12.13 -8.01 6.35
CA LEU A 56 -11.52 -8.84 5.32
C LEU A 56 -10.27 -9.48 5.90
N TYR A 57 -10.12 -10.78 5.66
CA TYR A 57 -9.01 -11.59 6.13
C TYR A 57 -8.54 -12.38 4.93
N ALA A 58 -7.22 -12.51 4.73
CA ALA A 58 -6.71 -13.21 3.56
C ALA A 58 -5.35 -13.82 3.75
N ARG A 59 -5.11 -14.94 3.06
CA ARG A 59 -3.85 -15.66 3.15
C ARG A 59 -3.38 -15.95 1.72
N PRO A 60 -2.24 -15.37 1.33
CA PRO A 60 -1.71 -15.59 -0.02
C PRO A 60 -1.03 -16.92 -0.15
N PRO A 61 -0.97 -17.46 -1.37
CA PRO A 61 -0.28 -18.71 -1.53
C PRO A 61 1.23 -18.51 -1.42
N GLU A 62 1.92 -19.64 -1.37
CA GLU A 62 3.36 -19.72 -1.27
C GLU A 62 4.03 -18.81 -2.29
N GLY A 63 5.03 -18.08 -1.80
CA GLY A 63 5.88 -17.26 -2.64
C GLY A 63 5.31 -15.89 -2.94
N HIS A 64 4.09 -15.62 -2.44
CA HIS A 64 3.40 -14.36 -2.73
C HIS A 64 3.13 -13.51 -1.49
N GLY A 65 3.01 -12.20 -1.71
CA GLY A 65 2.41 -11.30 -0.72
C GLY A 65 1.11 -10.79 -1.29
N LEU A 66 0.40 -9.96 -0.52
CA LEU A 66 -0.80 -9.32 -1.00
C LEU A 66 -0.65 -7.81 -1.00
N MET A 67 -1.30 -7.18 -1.98
N MET A 67 -1.26 -7.17 -1.98
CA MET A 67 -1.33 -5.73 -2.20
CA MET A 67 -1.31 -5.75 -2.02
C MET A 67 -2.73 -5.22 -1.93
C MET A 67 -2.73 -5.29 -1.81
N LEU A 68 -2.88 -4.22 -1.04
CA LEU A 68 -4.16 -3.66 -0.67
C LEU A 68 -4.14 -2.21 -1.06
N TRP A 69 -5.10 -1.77 -1.87
CA TRP A 69 -5.13 -0.37 -2.25
C TRP A 69 -6.54 0.15 -2.46
N GLY A 70 -6.69 1.46 -2.35
CA GLY A 70 -7.96 2.10 -2.60
C GLY A 70 -7.92 2.93 -3.85
N SER A 71 -9.07 3.11 -4.47
CA SER A 71 -9.21 3.92 -5.68
C SER A 71 -10.44 4.78 -5.57
N THR A 72 -10.27 6.07 -5.81
CA THR A 72 -11.40 7.00 -5.86
C THR A 72 -11.06 8.22 -6.70
N SER A 73 -12.09 8.86 -7.25
CA SER A 73 -11.89 10.11 -7.98
C SER A 73 -12.06 11.31 -7.06
N ARG A 74 -12.39 11.05 -5.80
CA ARG A 74 -12.56 12.12 -4.82
C ARG A 74 -11.17 12.55 -4.29
N PRO A 75 -11.11 13.70 -3.60
CA PRO A 75 -9.82 14.24 -3.13
C PRO A 75 -9.32 13.55 -1.85
N VAL A 76 -9.10 12.25 -1.97
CA VAL A 76 -8.72 11.38 -0.86
C VAL A 76 -7.58 10.51 -1.36
N THR A 77 -6.53 10.37 -0.56
CA THR A 77 -5.40 9.51 -0.92
C THR A 77 -5.36 8.33 0.05
N SER A 78 -5.21 7.12 -0.48
N SER A 78 -5.15 7.13 -0.50
CA SER A 78 -5.07 5.99 0.40
CA SER A 78 -5.13 5.90 0.28
C SER A 78 -3.64 5.48 0.46
C SER A 78 -3.72 5.34 0.40
N HIS A 79 -3.31 4.94 1.61
CA HIS A 79 -2.09 4.20 1.79
C HIS A 79 -2.16 2.91 0.94
N VAL A 80 -1.04 2.57 0.28
CA VAL A 80 -0.95 1.27 -0.41
C VAL A 80 -0.31 0.29 0.56
N GLY A 81 -1.09 -0.72 0.95
CA GLY A 81 -0.65 -1.69 1.95
C GLY A 81 0.01 -2.93 1.38
N ILE A 82 1.15 -3.29 1.97
CA ILE A 82 1.83 -4.54 1.68
C ILE A 82 1.47 -5.50 2.81
N ILE A 83 0.86 -6.62 2.45
CA ILE A 83 0.32 -7.58 3.40
C ILE A 83 1.27 -8.77 3.47
N ASP A 84 1.77 -9.05 4.66
CA ASP A 84 2.77 -10.10 4.85
C ASP A 84 2.15 -11.47 4.86
N PRO A 85 2.89 -12.48 4.37
CA PRO A 85 2.35 -13.83 4.26
C PRO A 85 1.82 -14.42 5.58
N ASP A 86 2.40 -14.02 6.70
CA ASP A 86 2.04 -14.55 8.03
C ASP A 86 0.88 -13.80 8.68
N TYR A 87 0.39 -12.74 8.04
CA TYR A 87 -0.62 -11.87 8.67
C TYR A 87 -1.99 -12.52 8.66
N THR A 88 -2.49 -12.83 9.86
CA THR A 88 -3.80 -13.45 9.99
C THR A 88 -4.82 -12.55 10.66
N GLY A 89 -4.45 -11.27 10.88
CA GLY A 89 -5.39 -10.29 11.42
C GLY A 89 -6.33 -9.71 10.38
N GLU A 90 -7.08 -8.70 10.78
CA GLU A 90 -8.01 -8.01 9.90
C GLU A 90 -7.28 -6.99 9.02
N LEU A 91 -7.71 -6.87 7.77
N LEU A 91 -7.69 -6.88 7.76
CA LEU A 91 -7.15 -5.86 6.87
CA LEU A 91 -7.13 -5.86 6.88
C LEU A 91 -7.85 -4.53 7.06
C LEU A 91 -7.85 -4.54 7.06
N ARG A 92 -7.06 -3.46 7.04
CA ARG A 92 -7.60 -2.10 7.17
C ARG A 92 -7.10 -1.23 6.02
N LEU A 93 -7.94 -0.29 5.59
CA LEU A 93 -7.54 0.69 4.60
C LEU A 93 -7.34 2.03 5.31
N ILE A 94 -6.18 2.65 5.09
CA ILE A 94 -5.83 3.90 5.74
C ILE A 94 -5.94 5.04 4.73
N LEU A 95 -6.80 5.99 5.05
CA LEU A 95 -7.15 7.09 4.13
C LEU A 95 -6.75 8.43 4.69
N GLN A 96 -6.40 9.34 3.79
CA GLN A 96 -6.10 10.73 4.12
C GLN A 96 -6.88 11.68 3.23
N ASN A 97 -7.21 12.82 3.81
CA ASN A 97 -7.98 13.86 3.13
C ASN A 97 -7.03 14.87 2.50
N GLN A 98 -7.19 15.11 1.20
CA GLN A 98 -6.36 16.09 0.53
C GLN A 98 -6.76 17.54 0.83
N ARG A 99 -7.97 17.72 1.33
CA ARG A 99 -8.55 19.06 1.53
C ARG A 99 -8.48 19.52 2.97
N ARG A 100 -8.72 20.82 3.16
CA ARG A 100 -8.73 21.40 4.49
C ARG A 100 -10.13 21.49 5.09
N TYR A 101 -11.09 20.86 4.41
CA TYR A 101 -12.43 20.72 4.97
CA TYR A 101 -12.49 20.74 4.84
C TYR A 101 -12.84 19.27 4.85
N ASN A 102 -13.97 18.93 5.48
CA ASN A 102 -14.53 17.58 5.35
C ASN A 102 -14.69 17.09 3.90
N SER A 103 -14.21 15.87 3.65
CA SER A 103 -14.42 15.23 2.35
C SER A 103 -15.20 13.97 2.59
N THR A 104 -16.25 13.76 1.81
CA THR A 104 -17.04 12.54 1.97
C THR A 104 -16.84 11.63 0.78
N LEU A 105 -16.84 10.35 1.08
CA LEU A 105 -16.95 9.35 0.05
C LEU A 105 -18.38 8.85 0.11
N ARG A 106 -19.18 9.30 -0.85
CA ARG A 106 -20.56 8.81 -0.96
C ARG A 106 -20.55 7.35 -1.37
N PRO A 107 -21.66 6.63 -1.16
CA PRO A 107 -21.72 5.24 -1.56
C PRO A 107 -21.25 5.07 -3.00
N SER A 108 -20.40 4.06 -3.22
CA SER A 108 -19.85 3.70 -4.52
CA SER A 108 -19.84 3.70 -4.53
C SER A 108 -18.60 4.47 -4.92
N GLU A 109 -18.28 5.54 -4.19
CA GLU A 109 -17.13 6.37 -4.56
C GLU A 109 -15.77 5.79 -4.19
N LEU A 110 -15.74 4.82 -3.27
CA LEU A 110 -14.48 4.17 -2.88
C LEU A 110 -14.47 2.71 -3.32
N LYS A 111 -13.43 2.34 -4.06
CA LYS A 111 -13.15 0.96 -4.40
C LYS A 111 -11.94 0.52 -3.61
N ILE A 112 -11.98 -0.72 -3.13
CA ILE A 112 -10.89 -1.27 -2.33
C ILE A 112 -10.48 -2.57 -3.00
N HIS A 113 -9.20 -2.68 -3.34
CA HIS A 113 -8.69 -3.82 -4.11
C HIS A 113 -7.67 -4.64 -3.33
N LEU A 114 -7.73 -5.96 -3.53
CA LEU A 114 -6.77 -6.89 -2.92
C LEU A 114 -6.32 -7.86 -4.00
N ALA A 115 -5.01 -8.02 -4.17
CA ALA A 115 -4.46 -8.93 -5.18
C ALA A 115 -3.07 -9.39 -4.77
N ALA A 116 -2.59 -10.49 -5.36
CA ALA A 116 -1.30 -11.07 -4.96
C ALA A 116 -0.15 -10.73 -5.91
N PHE A 117 1.07 -10.94 -5.42
CA PHE A 117 2.27 -10.73 -6.24
C PHE A 117 3.38 -11.60 -5.71
N ARG A 118 4.25 -12.06 -6.61
CA ARG A 118 5.49 -12.72 -6.22
C ARG A 118 6.52 -11.70 -5.83
N TYR A 119 7.29 -12.01 -4.79
CA TYR A 119 8.37 -11.15 -4.33
C TYR A 119 9.60 -12.00 -4.01
N ALA A 120 10.75 -11.33 -3.90
CA ALA A 120 12.02 -11.95 -3.48
C ALA A 120 12.62 -11.17 -2.33
N THR A 121 13.56 -11.80 -1.64
CA THR A 121 14.20 -11.23 -0.47
C THR A 121 15.71 -11.41 -0.60
N PRO A 122 16.48 -10.31 -0.49
CA PRO A 122 17.94 -10.45 -0.41
C PRO A 122 18.39 -10.72 1.03
N GLN A 123 19.50 -11.42 1.20
CA GLN A 123 20.08 -11.64 2.53
CA GLN A 123 20.08 -11.63 2.52
C GLN A 123 20.77 -10.36 3.00
N GLY A 129 22.23 -0.73 8.03
CA GLY A 129 21.62 0.37 7.29
C GLY A 129 22.27 0.61 5.94
N PRO A 130 21.58 1.30 5.02
CA PRO A 130 20.22 1.86 5.20
C PRO A 130 19.09 0.85 4.93
N ILE A 131 19.41 -0.28 4.32
CA ILE A 131 18.44 -1.33 4.05
C ILE A 131 18.57 -2.43 5.11
N ASN A 132 17.47 -2.68 5.82
CA ASN A 132 17.48 -3.55 7.00
C ASN A 132 16.44 -4.65 6.94
N HIS A 133 16.78 -5.84 7.44
CA HIS A 133 15.79 -6.88 7.71
C HIS A 133 14.92 -6.48 8.90
N PRO A 134 13.58 -6.60 8.78
CA PRO A 134 12.73 -6.53 9.97
C PRO A 134 13.01 -7.74 10.85
N GLN A 135 12.85 -7.60 12.18
CA GLN A 135 13.21 -8.71 13.06
C GLN A 135 12.23 -9.90 13.02
N TYR A 136 11.04 -9.70 12.46
CA TYR A 136 10.17 -10.84 12.17
C TYR A 136 10.38 -11.34 10.74
N PRO A 137 10.77 -12.62 10.60
CA PRO A 137 11.16 -13.38 9.41
C PRO A 137 10.44 -13.01 8.12
N GLY A 138 9.65 -13.94 7.58
CA GLY A 138 9.06 -13.85 6.25
C GLY A 138 8.14 -12.67 5.99
N SER A 139 8.66 -11.47 6.24
CA SER A 139 7.99 -10.23 5.89
C SER A 139 8.38 -9.83 4.47
N VAL A 140 7.47 -9.16 3.77
CA VAL A 140 7.70 -8.84 2.36
C VAL A 140 8.77 -7.78 2.15
N GLY A 141 8.70 -6.69 2.90
CA GLY A 141 9.59 -5.57 2.68
C GLY A 141 10.76 -5.46 3.65
N LEU A 142 11.80 -4.79 3.20
CA LEU A 142 12.94 -4.47 4.05
C LEU A 142 12.84 -3.01 4.45
N ASP A 143 13.06 -2.71 5.73
CA ASP A 143 13.03 -1.32 6.20
C ASP A 143 14.14 -0.51 5.56
N VAL A 144 13.79 0.69 5.14
CA VAL A 144 14.76 1.64 4.60
C VAL A 144 14.88 2.84 5.54
N SER A 145 16.12 3.17 5.90
CA SER A 145 16.39 4.21 6.88
C SER A 145 16.56 5.56 6.23
N LEU A 146 16.18 6.60 6.97
CA LEU A 146 16.32 7.97 6.50
C LEU A 146 17.79 8.39 6.49
N PRO A 147 18.25 9.00 5.38
CA PRO A 147 19.65 9.39 5.35
C PRO A 147 19.96 10.71 6.04
N LYS A 148 18.91 11.45 6.43
CA LYS A 148 19.02 12.79 7.02
C LYS A 148 17.75 13.11 7.81
N ASP A 149 17.87 14.06 8.76
CA ASP A 149 16.70 14.62 9.44
C ASP A 149 15.78 15.32 8.45
N LEU A 150 14.48 15.13 8.63
CA LEU A 150 13.48 15.88 7.86
C LEU A 150 12.41 16.48 8.76
N ALA A 151 11.99 17.70 8.44
CA ALA A 151 10.85 18.31 9.09
C ALA A 151 9.71 18.36 8.07
N LEU A 152 8.62 17.68 8.39
CA LEU A 152 7.48 17.59 7.48
C LEU A 152 6.38 18.50 8.02
N PHE A 153 6.22 19.66 7.40
CA PHE A 153 5.20 20.61 7.80
C PHE A 153 3.81 20.17 7.32
N PRO A 154 2.74 20.71 7.94
CA PRO A 154 1.41 20.22 7.58
C PRO A 154 1.06 20.50 6.13
N HIS A 155 0.43 19.52 5.49
CA HIS A 155 -0.08 19.66 4.12
C HIS A 155 0.99 20.05 3.11
N GLN A 156 2.15 19.45 3.31
CA GLN A 156 3.27 19.64 2.39
CA GLN A 156 3.28 19.63 2.41
C GLN A 156 3.94 18.31 2.08
N THR A 157 4.64 18.29 0.95
CA THR A 157 5.42 17.15 0.51
C THR A 157 6.92 17.46 0.67
N VAL A 158 7.67 16.47 1.12
CA VAL A 158 9.13 16.53 1.26
C VAL A 158 9.71 15.32 0.53
N SER A 159 10.74 15.54 -0.28
CA SER A 159 11.36 14.45 -1.03
C SER A 159 12.79 14.24 -0.61
N VAL A 160 13.22 12.99 -0.72
CA VAL A 160 14.57 12.61 -0.38
C VAL A 160 15.06 11.58 -1.41
N THR A 161 16.32 11.68 -1.79
CA THR A 161 16.89 10.72 -2.75
C THR A 161 17.65 9.59 -2.08
N LEU A 162 17.45 8.39 -2.60
CA LEU A 162 18.24 7.22 -2.24
C LEU A 162 19.09 6.94 -3.47
N THR A 163 20.42 7.03 -3.32
N THR A 163 20.42 7.07 -3.33
CA THR A 163 21.33 6.93 -4.45
CA THR A 163 21.34 6.93 -4.48
C THR A 163 22.06 5.59 -4.57
C THR A 163 22.02 5.56 -4.57
N VAL A 164 22.48 5.03 -3.44
CA VAL A 164 23.21 3.76 -3.41
C VAL A 164 22.28 2.63 -3.81
N PRO A 165 22.63 1.91 -4.89
CA PRO A 165 21.77 0.85 -5.43
C PRO A 165 21.48 -0.25 -4.40
N PRO A 166 20.22 -0.74 -4.37
CA PRO A 166 19.95 -1.90 -3.52
C PRO A 166 20.51 -3.14 -4.23
N PRO A 167 20.66 -4.26 -3.50
CA PRO A 167 21.09 -5.48 -4.18
C PRO A 167 20.22 -5.80 -5.41
N SER A 168 20.85 -6.31 -6.46
CA SER A 168 20.13 -6.69 -7.67
C SER A 168 19.67 -8.14 -7.57
N ILE A 169 18.40 -8.38 -7.85
CA ILE A 169 17.83 -9.72 -7.84
C ILE A 169 17.32 -10.07 -9.24
N PRO A 170 17.84 -11.14 -9.86
CA PRO A 170 17.41 -11.53 -11.20
C PRO A 170 15.90 -11.64 -11.29
N HIS A 171 15.34 -11.04 -12.35
CA HIS A 171 13.91 -11.11 -12.69
C HIS A 171 12.99 -10.39 -11.72
N HIS A 172 13.58 -9.59 -10.84
CA HIS A 172 12.80 -8.77 -9.89
C HIS A 172 13.17 -7.31 -9.97
N ARG A 173 12.29 -6.46 -9.43
CA ARG A 173 12.45 -5.02 -9.58
C ARG A 173 12.22 -4.34 -8.23
N PRO A 174 13.23 -3.62 -7.74
CA PRO A 174 13.09 -2.95 -6.46
C PRO A 174 12.09 -1.82 -6.54
N THR A 175 11.20 -1.79 -5.55
N THR A 175 11.26 -1.74 -5.51
CA THR A 175 10.19 -0.75 -5.45
CA THR A 175 10.12 -0.81 -5.46
C THR A 175 10.22 -0.23 -4.02
C THR A 175 9.92 -0.35 -4.01
N ILE A 176 9.59 0.93 -3.83
CA ILE A 176 9.47 1.53 -2.51
C ILE A 176 7.99 1.72 -2.16
N PHE A 177 7.62 1.27 -0.95
CA PHE A 177 6.27 1.47 -0.41
C PHE A 177 6.35 2.07 0.98
N GLY A 178 5.24 2.61 1.46
CA GLY A 178 5.20 3.10 2.83
C GLY A 178 4.86 2.01 3.84
N ARG A 179 4.93 2.35 5.11
CA ARG A 179 4.42 1.49 6.20
C ARG A 179 3.24 2.11 6.92
N SER A 180 2.44 1.25 7.54
N SER A 180 2.42 1.26 7.53
CA SER A 180 1.16 1.67 8.13
CA SER A 180 1.16 1.68 8.15
C SER A 180 1.29 2.56 9.35
C SER A 180 1.34 2.63 9.32
N GLY A 181 2.38 2.42 10.11
CA GLY A 181 2.61 3.25 11.31
C GLY A 181 2.67 4.73 10.97
N LEU A 182 3.56 5.10 10.05
CA LEU A 182 3.62 6.49 9.61
C LEU A 182 2.33 6.91 8.91
N ALA A 183 1.72 5.99 8.14
CA ALA A 183 0.44 6.31 7.47
C ALA A 183 -0.63 6.73 8.48
N MET A 184 -0.70 6.02 9.61
N MET A 184 -0.68 6.07 9.62
CA MET A 184 -1.65 6.35 10.67
CA MET A 184 -1.70 6.42 10.62
C MET A 184 -1.43 7.76 11.22
C MET A 184 -1.38 7.68 11.42
N GLN A 185 -0.17 8.20 11.24
CA GLN A 185 0.21 9.53 11.72
C GLN A 185 0.00 10.61 10.64
N GLY A 186 -0.53 10.22 9.48
CA GLY A 186 -0.79 11.17 8.42
C GLY A 186 0.31 11.32 7.40
N ILE A 187 1.35 10.50 7.50
CA ILE A 187 2.48 10.58 6.57
C ILE A 187 2.42 9.45 5.56
N LEU A 188 2.17 9.77 4.29
CA LEU A 188 2.15 8.77 3.22
C LEU A 188 3.37 8.87 2.34
N VAL A 189 3.81 7.70 1.90
CA VAL A 189 4.87 7.61 0.91
C VAL A 189 4.21 7.34 -0.43
N LYS A 190 4.62 8.04 -1.48
CA LYS A 190 4.11 7.71 -2.79
C LYS A 190 4.91 6.51 -3.33
N PRO A 191 4.25 5.35 -3.57
CA PRO A 191 5.01 4.19 -4.03
C PRO A 191 5.66 4.45 -5.39
N CYS A 192 6.83 3.87 -5.59
CA CYS A 192 7.60 4.14 -6.79
C CYS A 192 8.66 3.09 -7.05
N ARG A 193 9.10 2.98 -8.30
N ARG A 193 9.09 3.00 -8.31
CA ARG A 193 10.19 2.09 -8.65
CA ARG A 193 10.20 2.14 -8.70
C ARG A 193 11.52 2.69 -8.28
C ARG A 193 11.51 2.72 -8.21
N TRP A 194 12.43 1.85 -7.82
CA TRP A 194 13.78 2.26 -7.47
C TRP A 194 14.63 1.80 -8.65
N ARG A 195 14.82 2.69 -9.62
CA ARG A 195 15.57 2.37 -10.83
C ARG A 195 17.06 2.58 -10.58
N ARG A 196 17.90 2.05 -11.47
CA ARG A 196 19.35 2.03 -11.26
C ARG A 196 19.96 3.38 -10.90
N GLY A 197 19.49 4.45 -11.54
CA GLY A 197 20.03 5.78 -11.29
C GLY A 197 19.72 6.40 -9.93
N GLY A 198 18.86 5.75 -9.14
CA GLY A 198 18.43 6.31 -7.86
C GLY A 198 16.93 6.55 -7.84
N VAL A 199 16.40 6.82 -6.66
CA VAL A 199 14.97 7.09 -6.53
C VAL A 199 14.72 8.31 -5.63
N ASP A 200 13.81 9.17 -6.07
CA ASP A 200 13.35 10.28 -5.23
C ASP A 200 12.05 9.87 -4.55
N VAL A 201 12.12 9.73 -3.23
CA VAL A 201 10.97 9.26 -2.45
C VAL A 201 10.25 10.46 -1.86
N SER A 202 8.95 10.56 -2.13
CA SER A 202 8.16 11.69 -1.65
C SER A 202 7.23 11.31 -0.50
N LEU A 203 7.35 12.08 0.57
CA LEU A 203 6.54 11.93 1.78
CA LEU A 203 6.53 11.92 1.76
C LEU A 203 5.59 13.11 1.87
N THR A 204 4.30 12.83 2.09
CA THR A 204 3.34 13.91 2.24
C THR A 204 2.69 13.85 3.61
N ASN A 205 2.60 15.00 4.27
CA ASN A 205 2.01 15.10 5.60
C ASN A 205 0.59 15.65 5.47
N PHE A 206 -0.41 14.78 5.71
CA PHE A 206 -1.81 15.17 5.60
C PHE A 206 -2.42 15.59 6.93
N SER A 207 -1.58 15.68 7.96
CA SER A 207 -2.04 16.10 9.29
C SER A 207 -1.85 17.60 9.52
N ASP A 208 -2.28 18.06 10.69
CA ASP A 208 -2.08 19.45 11.09
C ASP A 208 -0.84 19.66 11.96
N GLN A 209 -0.04 18.62 12.15
CA GLN A 209 1.16 18.86 12.94
C GLN A 209 2.44 18.56 12.23
N THR A 210 3.46 19.33 12.59
CA THR A 210 4.78 19.17 12.01
C THR A 210 5.39 17.89 12.57
N VAL A 211 5.83 17.02 11.67
CA VAL A 211 6.44 15.76 12.06
C VAL A 211 7.93 15.81 11.77
N PHE A 212 8.71 15.55 12.82
CA PHE A 212 10.16 15.54 12.71
C PHE A 212 10.62 14.09 12.62
N LEU A 213 11.18 13.72 11.49
CA LEU A 213 11.74 12.39 11.31
C LEU A 213 13.26 12.51 11.32
N ASN A 214 13.89 11.79 12.25
CA ASN A 214 15.34 11.86 12.42
C ASN A 214 16.08 10.96 11.44
N LYS A 215 17.32 11.33 11.12
CA LYS A 215 18.26 10.44 10.42
C LYS A 215 18.22 9.05 11.05
N TYR A 216 18.27 8.02 10.21
CA TYR A 216 18.24 6.60 10.60
C TYR A 216 16.86 6.03 10.93
N ARG A 217 15.84 6.89 11.07
CA ARG A 217 14.49 6.38 11.27
C ARG A 217 14.02 5.63 10.03
N ARG A 218 13.38 4.49 10.24
CA ARG A 218 12.75 3.78 9.12
C ARG A 218 11.66 4.69 8.57
N PHE A 219 11.58 4.82 7.26
CA PHE A 219 10.56 5.72 6.70
C PHE A 219 9.79 5.13 5.53
N CYS A 220 10.26 4.02 5.02
CA CYS A 220 9.60 3.31 3.93
C CYS A 220 10.15 1.89 3.87
N GLN A 221 9.67 1.09 2.94
CA GLN A 221 10.13 -0.30 2.80
C GLN A 221 10.46 -0.61 1.35
N LEU A 222 11.45 -1.48 1.18
CA LEU A 222 11.90 -1.94 -0.12
C LEU A 222 11.29 -3.30 -0.39
N VAL A 223 10.61 -3.41 -1.53
CA VAL A 223 9.95 -4.64 -1.96
C VAL A 223 10.49 -5.02 -3.34
N TYR A 224 10.91 -6.26 -3.50
CA TYR A 224 11.33 -6.75 -4.81
C TYR A 224 10.18 -7.48 -5.50
N LEU A 225 9.46 -6.78 -6.37
CA LEU A 225 8.37 -7.39 -7.12
C LEU A 225 8.95 -8.20 -8.27
N HIS A 226 8.39 -9.38 -8.56
CA HIS A 226 8.74 -10.08 -9.78
C HIS A 226 8.43 -9.17 -10.96
N LYS A 227 9.31 -9.16 -11.96
CA LYS A 227 9.19 -8.25 -13.10
C LYS A 227 7.86 -8.36 -13.83
N HIS A 228 7.24 -9.53 -13.76
CA HIS A 228 5.94 -9.76 -14.39
C HIS A 228 4.87 -8.82 -13.82
N HIS A 229 5.10 -8.31 -12.62
CA HIS A 229 4.11 -7.47 -11.96
C HIS A 229 4.16 -6.00 -12.32
N LEU A 230 5.07 -5.63 -13.20
CA LEU A 230 5.15 -4.26 -13.68
C LEU A 230 4.99 -4.30 -15.18
N THR A 231 4.05 -3.47 -15.67
CA THR A 231 3.72 -3.44 -17.09
C THR A 231 3.37 -2.02 -17.54
N SER A 232 3.46 -1.78 -18.85
CA SER A 232 3.01 -0.50 -19.41
C SER A 232 1.59 -0.62 -19.97
N PHE A 233 1.07 -1.84 -20.04
CA PHE A 233 -0.21 -2.11 -20.70
C PHE A 233 -1.40 -2.05 -19.76
N TYR A 234 -2.39 -1.24 -20.14
CA TYR A 234 -3.64 -1.13 -19.40
C TYR A 234 -4.57 -2.26 -19.80
N SER A 235 -5.25 -2.82 -18.80
CA SER A 235 -6.19 -3.92 -19.00
C SER A 235 -6.93 -4.22 -17.69
N PRO A 236 -7.92 -5.13 -17.71
CA PRO A 236 -8.58 -5.53 -16.45
C PRO A 236 -7.64 -6.31 -15.53
N HIS A 237 -6.42 -6.54 -16.00
CA HIS A 237 -5.40 -7.29 -15.26
C HIS A 237 -4.33 -6.39 -14.61
N SER A 238 -4.41 -5.07 -14.85
CA SER A 238 -3.46 -4.12 -14.26
C SER A 238 -4.15 -2.86 -13.74
N ASP A 239 -3.43 -2.06 -12.96
CA ASP A 239 -3.99 -0.87 -12.33
C ASP A 239 -2.87 0.16 -12.17
N ALA A 240 -3.13 1.37 -12.64
CA ALA A 240 -2.18 2.48 -12.58
C ALA A 240 -2.19 3.24 -11.24
N GLY A 241 -3.10 2.86 -10.34
CA GLY A 241 -3.27 3.58 -9.07
C GLY A 241 -2.17 3.34 -8.05
N VAL A 242 -1.54 2.17 -8.14
CA VAL A 242 -0.65 1.64 -7.11
C VAL A 242 0.71 2.36 -7.06
N LEU A 243 1.44 2.28 -8.17
CA LEU A 243 2.78 2.84 -8.31
C LEU A 243 2.80 3.96 -9.35
N GLY A 244 1.63 4.35 -9.81
CA GLY A 244 1.54 5.38 -10.84
C GLY A 244 1.35 4.83 -12.23
N PRO A 245 1.22 5.73 -13.21
CA PRO A 245 0.83 5.45 -14.59
C PRO A 245 1.97 4.95 -15.48
N ARG A 246 3.23 5.15 -15.08
CA ARG A 246 4.33 4.61 -15.86
C ARG A 246 4.49 3.12 -15.57
N SER A 247 4.38 2.78 -14.28
CA SER A 247 4.59 1.42 -13.79
C SER A 247 3.30 0.83 -13.28
N LEU A 248 2.50 0.29 -14.19
CA LEU A 248 1.24 -0.31 -13.80
C LEU A 248 1.50 -1.62 -13.06
N PHE A 249 0.73 -1.82 -11.99
CA PHE A 249 0.80 -3.05 -11.24
C PHE A 249 -0.08 -4.09 -11.89
N ARG A 250 0.54 -5.21 -12.26
CA ARG A 250 -0.19 -6.33 -12.83
C ARG A 250 -0.06 -7.48 -11.84
N TRP A 251 -1.15 -7.80 -11.16
CA TRP A 251 -1.14 -8.79 -10.10
C TRP A 251 -1.06 -10.21 -10.65
N ALA A 252 -0.69 -11.15 -9.78
CA ALA A 252 -0.66 -12.56 -10.11
C ALA A 252 -2.06 -13.10 -10.44
N SER A 253 -2.11 -14.09 -11.33
CA SER A 253 -3.35 -14.69 -11.75
C SER A 253 -3.77 -15.80 -10.78
N CYS A 254 -4.26 -15.40 -9.61
CA CYS A 254 -4.70 -16.36 -8.59
C CYS A 254 -6.21 -16.42 -8.52
N THR A 255 -6.72 -17.49 -7.91
CA THR A 255 -8.15 -17.61 -7.67
C THR A 255 -8.43 -17.37 -6.19
N PHE A 256 -9.48 -16.61 -5.90
CA PHE A 256 -9.93 -16.40 -4.53
C PHE A 256 -10.82 -17.56 -4.08
N GLU A 257 -10.53 -18.10 -2.89
CA GLU A 257 -11.31 -19.18 -2.31
C GLU A 257 -11.82 -18.74 -0.94
N GLU A 258 -13.14 -18.65 -0.78
CA GLU A 258 -13.72 -18.25 0.50
C GLU A 258 -13.57 -19.35 1.56
N VAL A 259 -12.93 -18.99 2.66
CA VAL A 259 -12.78 -19.86 3.84
C VAL A 259 -13.28 -19.07 5.05
N PRO A 260 -14.59 -19.17 5.35
CA PRO A 260 -15.25 -18.38 6.39
C PRO A 260 -14.56 -18.39 7.76
N SER A 261 -13.93 -19.52 8.10
CA SER A 261 -13.25 -19.65 9.40
C SER A 261 -12.05 -18.72 9.60
N LEU A 262 -11.60 -18.04 8.53
CA LEU A 262 -10.50 -17.08 8.64
C LEU A 262 -10.92 -15.79 9.32
N ALA A 263 -12.22 -15.53 9.35
CA ALA A 263 -12.77 -14.32 9.96
C ALA A 263 -12.69 -14.39 11.46
N MET A 264 -12.21 -13.31 12.07
CA MET A 264 -11.86 -13.27 13.48
C MET A 264 -12.70 -12.23 14.20
#